data_8RP9
#
_entry.id   8RP9
#
_entity_poly.entity_id   1
_entity_poly.type   'polypeptide(L)'
_entity_poly.pdbx_seq_one_letter_code
;IATSPYYACNCPNNCKHKKGSGCKYHSGPSDKSKVISGKCEWQGGQLNCIAT
;
_entity_poly.pdbx_strand_id   A
#
# COMPACT_ATOMS: atom_id res chain seq x y z
N ILE A 1 9.89 4.58 -4.58
CA ILE A 1 9.05 3.61 -3.84
C ILE A 1 7.60 4.07 -3.78
N ALA A 2 6.69 3.11 -3.66
CA ALA A 2 5.27 3.41 -3.58
C ALA A 2 4.99 4.27 -2.34
N THR A 3 3.99 5.13 -2.45
CA THR A 3 3.62 6.01 -1.34
C THR A 3 3.04 5.21 -0.18
N SER A 4 2.23 5.86 0.66
CA SER A 4 1.63 5.21 1.82
C SER A 4 0.81 3.99 1.37
N PRO A 5 0.65 3.00 2.27
CA PRO A 5 -0.11 1.78 1.96
C PRO A 5 -1.57 2.07 1.65
N TYR A 6 -2.11 3.07 2.32
CA TYR A 6 -3.50 3.47 2.12
C TYR A 6 -3.76 3.94 0.70
N TYR A 7 -2.92 4.86 0.22
CA TYR A 7 -3.06 5.40 -1.13
C TYR A 7 -2.71 4.41 -2.23
N ALA A 8 -1.70 3.59 -2.00
CA ALA A 8 -1.27 2.61 -3.00
C ALA A 8 -2.36 1.61 -3.35
N CYS A 9 -3.11 1.17 -2.35
CA CYS A 9 -4.17 0.21 -2.60
C CYS A 9 -5.54 0.89 -2.76
N ASN A 10 -5.67 2.11 -2.24
CA ASN A 10 -6.93 2.85 -2.34
C ASN A 10 -7.39 2.91 -3.78
N CYS A 11 -8.71 2.78 -3.98
CA CYS A 11 -9.29 2.83 -5.32
C CYS A 11 -9.32 4.25 -5.91
N PRO A 12 -9.94 5.23 -5.22
CA PRO A 12 -10.01 6.59 -5.74
C PRO A 12 -8.65 7.15 -6.12
N ASN A 13 -7.61 6.61 -5.52
CA ASN A 13 -6.25 7.05 -5.82
C ASN A 13 -5.47 5.99 -6.60
N ASN A 14 -5.94 4.74 -6.55
CA ASN A 14 -5.28 3.64 -7.25
C ASN A 14 -6.18 2.40 -7.35
N CYS A 15 -7.11 2.38 -8.31
CA CYS A 15 -8.00 1.23 -8.48
C CYS A 15 -7.29 0.07 -9.17
N LYS A 16 -6.06 0.29 -9.60
CA LYS A 16 -5.30 -0.76 -10.26
C LYS A 16 -5.14 -1.94 -9.32
N HIS A 17 -4.93 -1.64 -8.04
CA HIS A 17 -4.77 -2.68 -7.03
C HIS A 17 -6.08 -2.99 -6.31
N LYS A 18 -6.36 -4.29 -6.21
CA LYS A 18 -7.55 -4.77 -5.55
C LYS A 18 -7.16 -5.80 -4.50
N LYS A 19 -8.12 -6.25 -3.69
CA LYS A 19 -7.83 -7.24 -2.65
C LYS A 19 -7.10 -8.43 -3.25
N GLY A 20 -6.02 -8.83 -2.59
CA GLY A 20 -5.24 -9.96 -3.07
C GLY A 20 -4.10 -9.53 -3.97
N SER A 21 -4.11 -8.26 -4.37
CA SER A 21 -3.06 -7.72 -5.23
C SER A 21 -1.82 -7.36 -4.43
N GLY A 22 -0.65 -7.69 -4.95
CA GLY A 22 0.58 -7.38 -4.25
C GLY A 22 0.87 -5.90 -4.26
N CYS A 23 1.57 -5.42 -3.24
CA CYS A 23 1.89 -4.00 -3.15
C CYS A 23 3.08 -3.74 -2.24
N LYS A 24 3.63 -2.53 -2.35
CA LYS A 24 4.79 -2.14 -1.54
C LYS A 24 4.64 -0.70 -1.08
N TYR A 25 5.42 -0.31 -0.07
CA TYR A 25 5.36 1.06 0.43
C TYR A 25 6.52 1.35 1.36
N HIS A 26 6.98 2.59 1.37
CA HIS A 26 8.09 2.98 2.23
C HIS A 26 7.55 3.50 3.55
N SER A 27 8.19 3.09 4.64
CA SER A 27 7.78 3.53 5.96
C SER A 27 8.95 4.09 6.75
N GLY A 28 9.39 5.30 6.40
CA GLY A 28 10.50 5.92 7.08
C GLY A 28 10.71 7.35 6.64
N PRO A 29 11.56 8.10 7.36
CA PRO A 29 11.85 9.50 7.04
C PRO A 29 12.74 9.64 5.81
N SER A 30 12.53 10.73 5.06
CA SER A 30 13.31 11.02 3.86
C SER A 30 13.50 9.79 2.97
N ASP A 31 14.62 9.78 2.24
CA ASP A 31 14.98 8.71 1.34
C ASP A 31 15.48 7.51 2.12
N LYS A 32 15.81 7.74 3.38
CA LYS A 32 16.29 6.70 4.26
C LYS A 32 15.26 5.59 4.42
N SER A 33 14.01 5.87 4.07
CA SER A 33 12.95 4.87 4.18
C SER A 33 13.22 3.70 3.26
N LYS A 34 12.59 2.57 3.56
CA LYS A 34 12.77 1.36 2.76
C LYS A 34 11.43 0.81 2.30
N VAL A 35 11.39 0.36 1.05
CA VAL A 35 10.18 -0.22 0.49
C VAL A 35 9.84 -1.51 1.20
N ILE A 36 8.60 -1.64 1.65
CA ILE A 36 8.16 -2.83 2.35
C ILE A 36 7.12 -3.57 1.53
N SER A 37 7.37 -4.84 1.23
CA SER A 37 6.43 -5.62 0.44
C SER A 37 5.18 -5.93 1.27
N GLY A 38 4.08 -6.21 0.59
CA GLY A 38 2.84 -6.51 1.28
C GLY A 38 1.71 -6.89 0.34
N LYS A 39 0.50 -6.96 0.89
CA LYS A 39 -0.69 -7.31 0.12
C LYS A 39 -1.85 -6.36 0.43
N CYS A 40 -2.61 -5.96 -0.58
CA CYS A 40 -3.73 -5.06 -0.36
C CYS A 40 -4.89 -5.79 0.30
N GLU A 41 -5.40 -5.21 1.39
CA GLU A 41 -6.52 -5.81 2.13
C GLU A 41 -7.51 -4.73 2.56
N TRP A 42 -8.80 -5.04 2.51
CA TRP A 42 -9.82 -4.06 2.91
C TRP A 42 -9.93 -3.98 4.43
N GLN A 43 -10.02 -2.76 4.93
CA GLN A 43 -10.14 -2.52 6.37
C GLN A 43 -11.57 -2.16 6.72
N GLY A 44 -12.50 -2.72 5.97
CA GLY A 44 -13.90 -2.47 6.19
C GLY A 44 -14.48 -1.44 5.23
N GLY A 45 -13.70 -1.08 4.21
CA GLY A 45 -14.17 -0.10 3.26
C GLY A 45 -13.04 0.60 2.53
N GLN A 46 -11.86 0.59 3.12
CA GLN A 46 -10.70 1.24 2.52
C GLN A 46 -9.60 0.21 2.26
N LEU A 47 -8.90 0.37 1.15
CA LEU A 47 -7.83 -0.56 0.80
C LEU A 47 -6.48 -0.09 1.34
N ASN A 48 -5.83 -0.96 2.10
CA ASN A 48 -4.53 -0.65 2.68
C ASN A 48 -3.55 -1.79 2.43
N CYS A 49 -2.31 -1.43 2.17
CA CYS A 49 -1.27 -2.42 1.90
C CYS A 49 -0.74 -2.95 3.23
N ILE A 50 -0.89 -4.26 3.44
CA ILE A 50 -0.43 -4.89 4.66
C ILE A 50 0.86 -5.65 4.43
N ALA A 51 1.94 -5.10 4.94
CA ALA A 51 3.25 -5.73 4.80
C ALA A 51 3.31 -7.00 5.61
N THR A 52 3.69 -8.09 4.96
CA THR A 52 3.81 -9.38 5.62
C THR A 52 5.15 -9.53 6.32
N ILE A 1 8.45 5.34 -5.41
CA ILE A 1 7.81 4.40 -4.45
C ILE A 1 6.30 4.46 -4.54
N ALA A 2 5.62 3.45 -3.99
CA ALA A 2 4.17 3.38 -4.01
C ALA A 2 3.53 4.31 -2.98
N THR A 3 4.35 5.03 -2.22
CA THR A 3 3.84 5.95 -1.21
C THR A 3 3.26 5.17 -0.02
N SER A 4 2.30 5.76 0.68
CA SER A 4 1.68 5.10 1.82
C SER A 4 0.85 3.89 1.37
N PRO A 5 0.66 2.89 2.24
CA PRO A 5 -0.12 1.70 1.91
C PRO A 5 -1.57 2.02 1.61
N TYR A 6 -2.10 3.02 2.30
CA TYR A 6 -3.49 3.44 2.11
C TYR A 6 -3.74 3.91 0.68
N TYR A 7 -2.88 4.80 0.21
CA TYR A 7 -3.00 5.35 -1.15
C TYR A 7 -2.62 4.34 -2.23
N ALA A 8 -1.62 3.51 -1.95
CA ALA A 8 -1.16 2.52 -2.91
C ALA A 8 -2.25 1.52 -3.29
N CYS A 9 -3.05 1.11 -2.31
CA CYS A 9 -4.11 0.16 -2.57
C CYS A 9 -5.47 0.84 -2.78
N ASN A 10 -5.61 2.06 -2.25
CA ASN A 10 -6.87 2.80 -2.39
C ASN A 10 -7.28 2.87 -3.85
N CYS A 11 -8.59 2.74 -4.11
CA CYS A 11 -9.10 2.80 -5.47
C CYS A 11 -9.15 4.22 -6.02
N PRO A 12 -9.81 5.18 -5.34
CA PRO A 12 -9.88 6.55 -5.84
C PRO A 12 -8.50 7.15 -6.12
N ASN A 13 -7.49 6.60 -5.47
CA ASN A 13 -6.13 7.07 -5.67
C ASN A 13 -5.31 6.06 -6.48
N ASN A 14 -5.76 4.81 -6.50
CA ASN A 14 -5.06 3.74 -7.24
C ASN A 14 -5.94 2.50 -7.41
N CYS A 15 -6.83 2.50 -8.40
CA CYS A 15 -7.71 1.36 -8.64
C CYS A 15 -6.96 0.21 -9.31
N LYS A 16 -5.71 0.45 -9.68
CA LYS A 16 -4.92 -0.59 -10.33
C LYS A 16 -4.81 -1.79 -9.40
N HIS A 17 -4.64 -1.52 -8.12
CA HIS A 17 -4.52 -2.56 -7.11
C HIS A 17 -5.83 -2.82 -6.38
N LYS A 18 -6.16 -4.10 -6.25
CA LYS A 18 -7.38 -4.52 -5.57
C LYS A 18 -7.04 -5.54 -4.49
N LYS A 19 -8.03 -5.91 -3.69
CA LYS A 19 -7.81 -6.89 -2.62
C LYS A 19 -7.11 -8.12 -3.16
N GLY A 20 -6.07 -8.57 -2.46
CA GLY A 20 -5.32 -9.73 -2.89
C GLY A 20 -4.15 -9.38 -3.79
N SER A 21 -4.06 -8.11 -4.19
CA SER A 21 -2.96 -7.67 -5.05
C SER A 21 -1.75 -7.25 -4.21
N GLY A 22 -0.59 -7.78 -4.56
CA GLY A 22 0.62 -7.45 -3.83
C GLY A 22 1.08 -6.04 -4.10
N CYS A 23 1.70 -5.42 -3.10
CA CYS A 23 2.19 -4.05 -3.24
C CYS A 23 3.39 -3.82 -2.34
N LYS A 24 4.07 -2.70 -2.54
CA LYS A 24 5.23 -2.36 -1.75
C LYS A 24 5.15 -0.89 -1.32
N TYR A 25 5.53 -0.58 -0.07
CA TYR A 25 5.47 0.80 0.39
C TYR A 25 6.57 1.11 1.40
N HIS A 26 7.05 2.35 1.38
CA HIS A 26 8.09 2.76 2.30
C HIS A 26 7.48 3.13 3.64
N SER A 27 8.26 2.99 4.71
CA SER A 27 7.78 3.31 6.04
C SER A 27 8.87 3.97 6.88
N GLY A 28 9.23 5.21 6.51
CA GLY A 28 10.25 5.92 7.24
C GLY A 28 10.47 7.33 6.73
N PRO A 29 11.31 8.12 7.40
CA PRO A 29 11.60 9.50 7.00
C PRO A 29 12.49 9.59 5.76
N SER A 30 12.26 10.62 4.96
CA SER A 30 13.02 10.87 3.73
C SER A 30 13.29 9.59 2.94
N ASP A 31 14.32 9.67 2.09
CA ASP A 31 14.75 8.58 1.25
C ASP A 31 15.24 7.41 2.09
N LYS A 32 15.74 7.75 3.27
CA LYS A 32 16.26 6.76 4.20
C LYS A 32 15.29 5.57 4.39
N SER A 33 14.01 5.80 4.12
CA SER A 33 13.01 4.75 4.27
C SER A 33 13.24 3.64 3.26
N LYS A 34 12.68 2.47 3.55
CA LYS A 34 12.82 1.32 2.68
C LYS A 34 11.46 0.76 2.29
N VAL A 35 11.33 0.40 1.02
CA VAL A 35 10.09 -0.16 0.53
C VAL A 35 9.81 -1.49 1.21
N ILE A 36 8.57 -1.68 1.64
CA ILE A 36 8.18 -2.91 2.32
C ILE A 36 7.13 -3.67 1.52
N SER A 37 7.39 -4.92 1.21
CA SER A 37 6.43 -5.70 0.45
C SER A 37 5.21 -6.03 1.28
N GLY A 38 4.09 -6.24 0.62
CA GLY A 38 2.85 -6.56 1.32
C GLY A 38 1.71 -6.93 0.39
N LYS A 39 0.50 -7.01 0.94
CA LYS A 39 -0.69 -7.35 0.16
C LYS A 39 -1.85 -6.41 0.50
N CYS A 40 -2.60 -6.00 -0.52
CA CYS A 40 -3.73 -5.09 -0.31
C CYS A 40 -4.93 -5.82 0.31
N GLU A 41 -5.45 -5.26 1.40
CA GLU A 41 -6.59 -5.84 2.10
C GLU A 41 -7.55 -4.73 2.55
N TRP A 42 -8.84 -5.03 2.54
CA TRP A 42 -9.85 -4.04 2.94
C TRP A 42 -9.95 -3.97 4.46
N GLN A 43 -10.02 -2.73 4.97
CA GLN A 43 -10.13 -2.51 6.41
C GLN A 43 -11.56 -2.12 6.77
N GLY A 44 -12.48 -2.67 6.01
CA GLY A 44 -13.89 -2.39 6.22
C GLY A 44 -14.44 -1.34 5.28
N GLY A 45 -13.64 -0.98 4.28
CA GLY A 45 -14.10 0.02 3.32
C GLY A 45 -12.95 0.67 2.57
N GLN A 46 -11.79 0.74 3.21
CA GLN A 46 -10.62 1.34 2.58
C GLN A 46 -9.56 0.28 2.32
N LEU A 47 -8.87 0.41 1.18
CA LEU A 47 -7.84 -0.55 0.81
C LEU A 47 -6.47 -0.13 1.34
N ASN A 48 -5.90 -0.95 2.21
CA ASN A 48 -4.58 -0.68 2.78
C ASN A 48 -3.66 -1.86 2.57
N CYS A 49 -2.41 -1.55 2.25
CA CYS A 49 -1.41 -2.58 2.02
C CYS A 49 -0.88 -3.09 3.36
N ILE A 50 -0.89 -4.40 3.54
CA ILE A 50 -0.40 -4.99 4.77
C ILE A 50 0.91 -5.72 4.54
N ALA A 51 1.99 -5.13 5.00
CA ALA A 51 3.30 -5.72 4.85
C ALA A 51 3.40 -7.00 5.67
N THR A 52 3.81 -8.08 5.01
CA THR A 52 3.95 -9.36 5.68
C THR A 52 5.31 -9.48 6.36
N ILE A 1 9.80 5.24 -5.34
CA ILE A 1 9.19 4.23 -4.43
C ILE A 1 7.70 4.49 -4.25
N ALA A 2 6.95 3.43 -3.98
CA ALA A 2 5.51 3.54 -3.78
C ALA A 2 5.20 4.42 -2.57
N THR A 3 4.09 5.15 -2.65
CA THR A 3 3.68 6.04 -1.57
C THR A 3 3.11 5.25 -0.39
N SER A 4 2.28 5.90 0.43
CA SER A 4 1.67 5.27 1.59
C SER A 4 0.85 4.05 1.18
N PRO A 5 0.69 3.07 2.08
CA PRO A 5 -0.06 1.84 1.81
C PRO A 5 -1.53 2.12 1.50
N TYR A 6 -2.07 3.14 2.16
CA TYR A 6 -3.46 3.53 1.98
C TYR A 6 -3.73 3.97 0.54
N TYR A 7 -2.90 4.87 0.02
CA TYR A 7 -3.05 5.38 -1.34
C TYR A 7 -2.72 4.36 -2.42
N ALA A 8 -1.71 3.53 -2.16
CA ALA A 8 -1.29 2.52 -3.13
C ALA A 8 -2.40 1.52 -3.44
N CYS A 9 -3.14 1.13 -2.43
CA CYS A 9 -4.22 0.16 -2.63
C CYS A 9 -5.58 0.85 -2.80
N ASN A 10 -5.71 2.08 -2.29
CA ASN A 10 -6.96 2.82 -2.40
C ASN A 10 -7.46 2.84 -3.83
N CYS A 11 -8.77 2.73 -4.02
CA CYS A 11 -9.37 2.74 -5.34
C CYS A 11 -9.42 4.14 -5.95
N PRO A 12 -10.03 5.14 -5.27
CA PRO A 12 -10.12 6.49 -5.82
C PRO A 12 -8.76 7.05 -6.21
N ASN A 13 -7.70 6.50 -5.61
CA ASN A 13 -6.35 6.95 -5.91
C ASN A 13 -5.58 5.89 -6.70
N ASN A 14 -6.05 4.64 -6.64
CA ASN A 14 -5.39 3.54 -7.35
C ASN A 14 -6.28 2.29 -7.42
N CYS A 15 -7.24 2.26 -8.35
CA CYS A 15 -8.13 1.10 -8.48
C CYS A 15 -7.42 -0.07 -9.16
N LYS A 16 -6.19 0.16 -9.63
CA LYS A 16 -5.44 -0.90 -10.29
C LYS A 16 -5.26 -2.06 -9.33
N HIS A 17 -5.02 -1.74 -8.06
CA HIS A 17 -4.84 -2.76 -7.04
C HIS A 17 -6.13 -3.06 -6.30
N LYS A 18 -6.40 -4.36 -6.15
CA LYS A 18 -7.58 -4.85 -5.46
C LYS A 18 -7.17 -5.85 -4.40
N LYS A 19 -8.11 -6.30 -3.58
CA LYS A 19 -7.80 -7.26 -2.53
C LYS A 19 -7.07 -8.46 -3.10
N GLY A 20 -5.98 -8.85 -2.46
CA GLY A 20 -5.20 -9.98 -2.93
C GLY A 20 -4.07 -9.56 -3.86
N SER A 21 -4.12 -8.30 -4.31
CA SER A 21 -3.09 -7.78 -5.21
C SER A 21 -1.81 -7.44 -4.43
N GLY A 22 -0.67 -7.72 -5.04
CA GLY A 22 0.59 -7.42 -4.39
C GLY A 22 0.83 -5.93 -4.30
N CYS A 23 1.56 -5.51 -3.27
CA CYS A 23 1.84 -4.10 -3.08
C CYS A 23 3.13 -3.88 -2.30
N LYS A 24 3.68 -2.67 -2.41
CA LYS A 24 4.92 -2.32 -1.73
C LYS A 24 4.89 -0.85 -1.30
N TYR A 25 5.51 -0.51 -0.17
CA TYR A 25 5.52 0.89 0.28
C TYR A 25 6.65 1.18 1.26
N HIS A 26 7.15 2.40 1.23
CA HIS A 26 8.23 2.79 2.13
C HIS A 26 7.66 3.17 3.48
N SER A 27 8.46 3.02 4.53
CA SER A 27 8.01 3.35 5.86
C SER A 27 9.11 4.08 6.64
N GLY A 28 9.35 5.33 6.27
CA GLY A 28 10.35 6.14 6.94
C GLY A 28 10.10 7.62 6.77
N PRO A 29 10.73 8.45 7.61
CA PRO A 29 10.57 9.91 7.56
C PRO A 29 11.21 10.57 6.35
N SER A 30 12.11 9.87 5.70
CA SER A 30 12.79 10.40 4.51
C SER A 30 13.29 9.31 3.58
N ASP A 31 14.30 9.66 2.79
CA ASP A 31 14.91 8.74 1.84
C ASP A 31 15.41 7.49 2.54
N LYS A 32 15.76 7.64 3.80
CA LYS A 32 16.26 6.52 4.60
C LYS A 32 15.22 5.40 4.68
N SER A 33 13.97 5.71 4.33
CA SER A 33 12.90 4.72 4.38
C SER A 33 13.21 3.57 3.44
N LYS A 34 12.58 2.43 3.71
CA LYS A 34 12.78 1.25 2.91
C LYS A 34 11.47 0.68 2.39
N VAL A 35 11.44 0.31 1.11
CA VAL A 35 10.25 -0.26 0.53
C VAL A 35 9.92 -1.56 1.23
N ILE A 36 8.67 -1.71 1.62
CA ILE A 36 8.23 -2.90 2.33
C ILE A 36 7.20 -3.66 1.49
N SER A 37 7.47 -4.93 1.22
CA SER A 37 6.52 -5.70 0.42
C SER A 37 5.28 -6.00 1.23
N GLY A 38 4.16 -6.21 0.53
CA GLY A 38 2.92 -6.50 1.21
C GLY A 38 1.78 -6.89 0.26
N LYS A 39 0.56 -6.90 0.80
CA LYS A 39 -0.62 -7.25 0.00
C LYS A 39 -1.79 -6.32 0.35
N CYS A 40 -2.58 -5.96 -0.65
CA CYS A 40 -3.72 -5.07 -0.40
C CYS A 40 -4.88 -5.83 0.25
N GLU A 41 -5.40 -5.26 1.34
CA GLU A 41 -6.51 -5.87 2.07
C GLU A 41 -7.49 -4.80 2.52
N TRP A 42 -8.80 -5.11 2.49
CA TRP A 42 -9.81 -4.14 2.88
C TRP A 42 -9.93 -4.05 4.40
N GLN A 43 -9.93 -2.83 4.90
CA GLN A 43 -10.04 -2.58 6.34
C GLN A 43 -10.98 -1.39 6.59
N GLY A 44 -12.23 -1.69 6.91
CA GLY A 44 -13.20 -0.65 7.16
C GLY A 44 -13.70 -0.01 5.88
N GLY A 45 -13.57 -0.75 4.78
CA GLY A 45 -14.01 -0.24 3.51
C GLY A 45 -12.92 0.43 2.71
N GLN A 46 -11.77 0.65 3.34
CA GLN A 46 -10.64 1.29 2.66
C GLN A 46 -9.54 0.27 2.37
N LEU A 47 -8.90 0.40 1.23
CA LEU A 47 -7.83 -0.52 0.85
C LEU A 47 -6.48 -0.05 1.36
N ASN A 48 -5.80 -0.93 2.09
CA ASN A 48 -4.48 -0.62 2.64
C ASN A 48 -3.53 -1.78 2.41
N CYS A 49 -2.28 -1.43 2.16
CA CYS A 49 -1.25 -2.43 1.91
C CYS A 49 -0.72 -2.96 3.24
N ILE A 50 -0.82 -4.28 3.42
CA ILE A 50 -0.36 -4.92 4.63
C ILE A 50 0.94 -5.65 4.36
N ALA A 51 2.02 -5.11 4.90
CA ALA A 51 3.32 -5.70 4.71
C ALA A 51 3.38 -7.08 5.35
N THR A 52 3.79 -8.05 4.54
CA THR A 52 3.89 -9.43 5.00
C THR A 52 5.08 -9.61 5.94
N ILE A 1 8.26 3.95 -5.22
CA ILE A 1 7.61 3.30 -4.05
C ILE A 1 6.36 4.07 -3.63
N ALA A 2 5.36 3.34 -3.14
CA ALA A 2 4.11 3.95 -2.70
C ALA A 2 4.35 4.84 -1.49
N THR A 3 3.67 5.99 -1.46
CA THR A 3 3.82 6.92 -0.35
C THR A 3 3.23 6.35 0.92
N SER A 4 2.05 5.76 0.79
CA SER A 4 1.35 5.16 1.92
C SER A 4 0.64 3.90 1.47
N PRO A 5 0.43 2.94 2.38
CA PRO A 5 -0.25 1.68 2.05
C PRO A 5 -1.69 1.94 1.65
N TYR A 6 -2.30 2.91 2.31
CA TYR A 6 -3.69 3.30 2.07
C TYR A 6 -3.89 3.81 0.65
N TYR A 7 -3.05 4.76 0.24
CA TYR A 7 -3.14 5.36 -1.10
C TYR A 7 -2.70 4.43 -2.22
N ALA A 8 -1.72 3.58 -1.94
CA ALA A 8 -1.23 2.65 -2.96
C ALA A 8 -2.32 1.72 -3.47
N CYS A 9 -3.18 1.24 -2.59
CA CYS A 9 -4.26 0.34 -3.00
C CYS A 9 -5.64 0.97 -2.95
N ASN A 10 -5.73 2.22 -2.48
CA ASN A 10 -7.04 2.88 -2.42
C ASN A 10 -7.55 3.02 -3.85
N CYS A 11 -8.84 2.83 -4.06
CA CYS A 11 -9.40 2.94 -5.41
C CYS A 11 -9.44 4.39 -5.91
N PRO A 12 -10.08 5.32 -5.19
CA PRO A 12 -10.16 6.72 -5.64
C PRO A 12 -8.80 7.32 -5.94
N ASN A 13 -7.74 6.76 -5.35
CA ASN A 13 -6.39 7.26 -5.57
C ASN A 13 -5.55 6.28 -6.39
N ASN A 14 -6.00 5.02 -6.47
CA ASN A 14 -5.28 3.98 -7.22
C ASN A 14 -6.12 2.70 -7.37
N CYS A 15 -7.01 2.66 -8.35
CA CYS A 15 -7.85 1.47 -8.56
C CYS A 15 -7.08 0.37 -9.28
N LYS A 16 -5.82 0.64 -9.66
CA LYS A 16 -5.02 -0.35 -10.35
C LYS A 16 -4.88 -1.59 -9.48
N HIS A 17 -4.67 -1.38 -8.19
CA HIS A 17 -4.51 -2.47 -7.24
C HIS A 17 -5.86 -2.87 -6.63
N LYS A 18 -6.03 -4.17 -6.41
CA LYS A 18 -7.24 -4.71 -5.81
C LYS A 18 -6.90 -5.74 -4.75
N LYS A 19 -7.88 -6.14 -3.96
CA LYS A 19 -7.67 -7.12 -2.91
C LYS A 19 -6.99 -8.37 -3.45
N GLY A 20 -5.99 -8.84 -2.72
CA GLY A 20 -5.26 -10.02 -3.13
C GLY A 20 -4.06 -9.69 -4.00
N SER A 21 -3.97 -8.44 -4.43
CA SER A 21 -2.86 -8.01 -5.27
C SER A 21 -1.66 -7.63 -4.40
N GLY A 22 -0.46 -7.89 -4.90
CA GLY A 22 0.73 -7.55 -4.14
C GLY A 22 0.93 -6.06 -4.06
N CYS A 23 1.68 -5.61 -3.07
CA CYS A 23 1.92 -4.19 -2.89
C CYS A 23 3.20 -3.93 -2.11
N LYS A 24 3.74 -2.73 -2.28
CA LYS A 24 4.96 -2.33 -1.59
C LYS A 24 4.93 -0.84 -1.25
N TYR A 25 5.49 -0.47 -0.10
CA TYR A 25 5.51 0.93 0.31
C TYR A 25 6.64 1.23 1.28
N HIS A 26 7.12 2.46 1.27
CA HIS A 26 8.19 2.86 2.16
C HIS A 26 7.62 3.38 3.47
N SER A 27 8.31 3.10 4.57
CA SER A 27 7.85 3.56 5.87
C SER A 27 8.99 4.19 6.66
N GLY A 28 9.38 5.38 6.27
CA GLY A 28 10.46 6.08 6.95
C GLY A 28 10.69 7.47 6.40
N PRO A 29 11.52 8.27 7.06
CA PRO A 29 11.83 9.64 6.64
C PRO A 29 12.76 9.68 5.43
N SER A 30 12.56 10.67 4.56
CA SER A 30 13.37 10.86 3.36
C SER A 30 13.66 9.54 2.64
N ASP A 31 14.74 9.55 1.87
CA ASP A 31 15.19 8.41 1.10
C ASP A 31 15.56 7.26 2.03
N LYS A 32 15.97 7.62 3.24
CA LYS A 32 16.36 6.66 4.25
C LYS A 32 15.32 5.56 4.44
N SER A 33 14.07 5.83 4.03
CA SER A 33 13.00 4.84 4.17
C SER A 33 13.29 3.62 3.31
N LYS A 34 12.66 2.51 3.65
CA LYS A 34 12.84 1.27 2.92
C LYS A 34 11.51 0.70 2.43
N VAL A 35 11.49 0.25 1.19
CA VAL A 35 10.30 -0.32 0.61
C VAL A 35 9.92 -1.61 1.33
N ILE A 36 8.67 -1.72 1.73
CA ILE A 36 8.19 -2.89 2.45
C ILE A 36 7.17 -3.66 1.62
N SER A 37 7.46 -4.90 1.28
CA SER A 37 6.53 -5.71 0.49
C SER A 37 5.33 -6.13 1.32
N GLY A 38 4.24 -6.47 0.65
CA GLY A 38 3.04 -6.90 1.35
C GLY A 38 1.87 -7.19 0.43
N LYS A 39 0.70 -7.38 1.03
CA LYS A 39 -0.53 -7.66 0.28
C LYS A 39 -1.64 -6.73 0.74
N CYS A 40 -2.43 -6.24 -0.21
CA CYS A 40 -3.52 -5.32 0.14
C CYS A 40 -4.80 -6.07 0.52
N GLU A 41 -5.47 -5.53 1.54
CA GLU A 41 -6.71 -6.11 2.05
C GLU A 41 -7.70 -5.01 2.41
N TRP A 42 -9.00 -5.32 2.37
CA TRP A 42 -10.01 -4.33 2.68
C TRP A 42 -10.20 -4.20 4.19
N GLN A 43 -10.17 -2.96 4.67
CA GLN A 43 -10.35 -2.67 6.09
C GLN A 43 -11.28 -1.48 6.25
N GLY A 44 -12.56 -1.75 6.50
CA GLY A 44 -13.52 -0.68 6.67
C GLY A 44 -13.94 -0.10 5.34
N GLY A 45 -13.76 -0.87 4.29
CA GLY A 45 -14.14 -0.43 2.97
C GLY A 45 -12.98 0.20 2.19
N GLN A 46 -11.86 0.43 2.87
CA GLN A 46 -10.69 1.02 2.23
C GLN A 46 -9.59 -0.02 2.03
N LEU A 47 -8.89 0.07 0.90
CA LEU A 47 -7.81 -0.87 0.60
C LEU A 47 -6.48 -0.39 1.18
N ASN A 48 -5.87 -1.23 2.00
CA ASN A 48 -4.59 -0.90 2.62
C ASN A 48 -3.58 -2.02 2.47
N CYS A 49 -2.38 -1.64 2.06
CA CYS A 49 -1.30 -2.59 1.87
C CYS A 49 -0.86 -3.16 3.22
N ILE A 50 -0.76 -4.48 3.30
CA ILE A 50 -0.37 -5.13 4.54
C ILE A 50 1.01 -5.77 4.41
N ALA A 51 2.01 -5.11 4.98
CA ALA A 51 3.37 -5.61 4.93
C ALA A 51 3.52 -6.83 5.84
N THR A 52 4.01 -7.91 5.27
CA THR A 52 4.21 -9.14 6.02
C THR A 52 5.69 -9.43 6.22
N ILE A 1 8.73 4.87 -5.10
CA ILE A 1 7.99 3.83 -4.33
C ILE A 1 6.48 4.01 -4.48
N ALA A 2 5.72 3.07 -3.94
CA ALA A 2 4.27 3.11 -4.02
C ALA A 2 3.66 4.11 -3.03
N THR A 3 4.51 4.78 -2.24
CA THR A 3 4.05 5.76 -1.26
C THR A 3 3.40 5.05 -0.06
N SER A 4 2.45 5.72 0.61
CA SER A 4 1.78 5.14 1.77
C SER A 4 0.93 3.93 1.36
N PRO A 5 0.73 2.97 2.29
CA PRO A 5 -0.07 1.77 2.01
C PRO A 5 -1.53 2.09 1.68
N TYR A 6 -2.06 3.11 2.34
CA TYR A 6 -3.43 3.52 2.13
C TYR A 6 -3.68 3.98 0.70
N TYR A 7 -2.82 4.88 0.20
CA TYR A 7 -2.95 5.40 -1.16
C TYR A 7 -2.55 4.37 -2.22
N ALA A 8 -1.57 3.55 -1.90
CA ALA A 8 -1.09 2.53 -2.85
C ALA A 8 -2.19 1.55 -3.24
N CYS A 9 -3.01 1.15 -2.27
CA CYS A 9 -4.08 0.20 -2.56
C CYS A 9 -5.43 0.90 -2.76
N ASN A 10 -5.59 2.09 -2.18
CA ASN A 10 -6.86 2.83 -2.31
C ASN A 10 -7.25 2.95 -3.77
N CYS A 11 -8.55 2.89 -4.04
CA CYS A 11 -9.06 3.00 -5.39
C CYS A 11 -8.98 4.44 -5.93
N PRO A 12 -9.56 5.44 -5.23
CA PRO A 12 -9.51 6.82 -5.70
C PRO A 12 -8.09 7.30 -5.98
N ASN A 13 -7.12 6.66 -5.34
CA ASN A 13 -5.73 7.04 -5.52
C ASN A 13 -4.97 5.98 -6.34
N ASN A 14 -5.51 4.77 -6.40
CA ASN A 14 -4.89 3.67 -7.15
C ASN A 14 -5.83 2.47 -7.28
N CYS A 15 -6.73 2.48 -8.26
CA CYS A 15 -7.65 1.37 -8.46
C CYS A 15 -6.95 0.17 -9.11
N LYS A 16 -5.71 0.36 -9.53
CA LYS A 16 -4.95 -0.72 -10.16
C LYS A 16 -4.81 -1.87 -9.18
N HIS A 17 -4.62 -1.54 -7.91
CA HIS A 17 -4.46 -2.54 -6.86
C HIS A 17 -5.79 -2.86 -6.18
N LYS A 18 -6.08 -4.14 -6.07
CA LYS A 18 -7.31 -4.63 -5.44
C LYS A 18 -6.97 -5.70 -4.41
N LYS A 19 -7.95 -6.08 -3.61
CA LYS A 19 -7.71 -7.10 -2.58
C LYS A 19 -7.10 -8.35 -3.19
N GLY A 20 -6.05 -8.84 -2.56
CA GLY A 20 -5.37 -10.03 -3.06
C GLY A 20 -4.23 -9.69 -3.99
N SER A 21 -4.12 -8.42 -4.38
CA SER A 21 -3.05 -7.99 -5.27
C SER A 21 -1.83 -7.57 -4.45
N GLY A 22 -0.65 -7.89 -4.96
CA GLY A 22 0.57 -7.55 -4.26
C GLY A 22 0.81 -6.05 -4.24
N CYS A 23 1.45 -5.57 -3.18
CA CYS A 23 1.74 -4.14 -3.05
C CYS A 23 2.91 -3.90 -2.12
N LYS A 24 3.46 -2.70 -2.17
CA LYS A 24 4.59 -2.33 -1.33
C LYS A 24 4.51 -0.87 -0.92
N TYR A 25 5.23 -0.51 0.14
CA TYR A 25 5.24 0.87 0.60
C TYR A 25 6.42 1.16 1.52
N HIS A 26 6.91 2.38 1.46
CA HIS A 26 8.04 2.76 2.29
C HIS A 26 7.56 3.16 3.67
N SER A 27 8.39 2.96 4.68
CA SER A 27 8.02 3.31 6.04
C SER A 27 9.16 4.03 6.76
N GLY A 28 9.39 5.27 6.36
CA GLY A 28 10.45 6.06 6.97
C GLY A 28 10.19 7.55 6.87
N PRO A 29 10.90 8.35 7.66
CA PRO A 29 10.77 9.82 7.67
C PRO A 29 11.34 10.51 6.43
N SER A 30 12.23 9.83 5.74
CA SER A 30 12.85 10.40 4.56
C SER A 30 13.01 9.39 3.42
N ASP A 31 13.62 9.86 2.34
CA ASP A 31 13.87 9.04 1.17
C ASP A 31 14.71 7.82 1.54
N LYS A 32 15.47 7.94 2.62
CA LYS A 32 16.31 6.84 3.08
C LYS A 32 15.45 5.63 3.46
N SER A 33 14.15 5.86 3.61
CA SER A 33 13.21 4.80 3.96
C SER A 33 13.28 3.68 2.94
N LYS A 34 12.84 2.50 3.35
CA LYS A 34 12.87 1.33 2.49
C LYS A 34 11.48 0.81 2.19
N VAL A 35 11.28 0.40 0.94
CA VAL A 35 10.01 -0.13 0.50
C VAL A 35 9.76 -1.46 1.20
N ILE A 36 8.52 -1.65 1.66
CA ILE A 36 8.15 -2.86 2.36
C ILE A 36 7.14 -3.65 1.55
N SER A 37 7.40 -4.91 1.28
CA SER A 37 6.47 -5.74 0.51
C SER A 37 5.22 -6.01 1.32
N GLY A 38 4.12 -6.32 0.64
CA GLY A 38 2.87 -6.60 1.32
C GLY A 38 1.74 -6.97 0.37
N LYS A 39 0.53 -7.02 0.92
CA LYS A 39 -0.66 -7.37 0.14
C LYS A 39 -1.80 -6.40 0.44
N CYS A 40 -2.59 -6.04 -0.57
CA CYS A 40 -3.69 -5.11 -0.36
C CYS A 40 -4.88 -5.82 0.31
N GLU A 41 -5.36 -5.24 1.41
CA GLU A 41 -6.50 -5.81 2.15
C GLU A 41 -7.46 -4.71 2.59
N TRP A 42 -8.76 -4.94 2.45
CA TRP A 42 -9.76 -3.95 2.85
C TRP A 42 -9.87 -3.86 4.36
N GLN A 43 -9.98 -2.64 4.88
CA GLN A 43 -10.10 -2.41 6.31
C GLN A 43 -11.53 -2.04 6.66
N GLY A 44 -12.44 -2.59 5.89
CA GLY A 44 -13.86 -2.33 6.11
C GLY A 44 -14.40 -1.25 5.18
N GLY A 45 -13.60 -0.85 4.21
CA GLY A 45 -14.05 0.18 3.28
C GLY A 45 -12.93 0.78 2.48
N GLN A 46 -11.74 0.84 3.07
CA GLN A 46 -10.58 1.41 2.40
C GLN A 46 -9.51 0.34 2.19
N LEU A 47 -8.80 0.43 1.07
CA LEU A 47 -7.76 -0.54 0.75
C LEU A 47 -6.40 -0.09 1.28
N ASN A 48 -5.82 -0.91 2.15
CA ASN A 48 -4.51 -0.61 2.74
C ASN A 48 -3.56 -1.76 2.50
N CYS A 49 -2.31 -1.41 2.22
CA CYS A 49 -1.28 -2.42 1.97
C CYS A 49 -0.76 -2.96 3.29
N ILE A 50 -0.86 -4.28 3.47
CA ILE A 50 -0.41 -4.92 4.68
C ILE A 50 0.91 -5.63 4.44
N ALA A 51 1.97 -5.08 5.00
CA ALA A 51 3.28 -5.66 4.83
C ALA A 51 3.38 -6.97 5.57
N THR A 52 3.83 -7.99 4.85
CA THR A 52 3.98 -9.32 5.42
C THR A 52 4.97 -9.31 6.58
N ILE A 1 8.21 4.78 -5.61
CA ILE A 1 7.65 4.01 -4.47
C ILE A 1 6.32 4.58 -4.02
N ALA A 2 5.44 3.70 -3.52
CA ALA A 2 4.13 4.12 -3.05
C ALA A 2 4.26 5.08 -1.86
N THR A 3 3.43 6.11 -1.84
CA THR A 3 3.45 7.09 -0.77
C THR A 3 2.94 6.51 0.54
N SER A 4 1.91 5.68 0.46
CA SER A 4 1.34 5.05 1.64
C SER A 4 0.52 3.83 1.24
N PRO A 5 0.36 2.86 2.16
CA PRO A 5 -0.42 1.65 1.88
C PRO A 5 -1.88 1.96 1.59
N TYR A 6 -2.42 2.97 2.26
CA TYR A 6 -3.81 3.36 2.07
C TYR A 6 -4.09 3.83 0.65
N TYR A 7 -3.26 4.75 0.15
CA TYR A 7 -3.42 5.29 -1.20
C TYR A 7 -3.01 4.29 -2.28
N ALA A 8 -1.96 3.52 -2.00
CA ALA A 8 -1.47 2.54 -2.96
C ALA A 8 -2.52 1.49 -3.30
N CYS A 9 -3.27 1.05 -2.31
CA CYS A 9 -4.31 0.04 -2.54
C CYS A 9 -5.67 0.67 -2.82
N ASN A 10 -5.89 1.89 -2.34
CA ASN A 10 -7.17 2.58 -2.56
C ASN A 10 -7.55 2.55 -4.04
N CYS A 11 -8.83 2.40 -4.32
CA CYS A 11 -9.31 2.36 -5.69
C CYS A 11 -9.34 3.75 -6.34
N PRO A 12 -10.03 4.74 -5.74
CA PRO A 12 -10.08 6.08 -6.33
C PRO A 12 -8.70 6.65 -6.60
N ASN A 13 -7.71 6.14 -5.90
CA ASN A 13 -6.34 6.60 -6.07
C ASN A 13 -5.48 5.54 -6.77
N ASN A 14 -5.92 4.29 -6.73
CA ASN A 14 -5.18 3.19 -7.37
C ASN A 14 -6.02 1.91 -7.53
N CYS A 15 -6.96 1.92 -8.48
CA CYS A 15 -7.81 0.75 -8.71
C CYS A 15 -7.00 -0.40 -9.29
N LYS A 16 -5.88 -0.08 -9.94
CA LYS A 16 -5.04 -1.11 -10.53
C LYS A 16 -4.60 -2.10 -9.45
N HIS A 17 -4.56 -1.62 -8.20
CA HIS A 17 -4.18 -2.45 -7.07
C HIS A 17 -5.38 -2.72 -6.17
N LYS A 18 -5.82 -3.97 -6.11
CA LYS A 18 -6.97 -4.34 -5.29
C LYS A 18 -6.65 -5.52 -4.39
N LYS A 19 -7.64 -5.95 -3.60
CA LYS A 19 -7.46 -7.06 -2.68
C LYS A 19 -6.85 -8.26 -3.39
N GLY A 20 -5.84 -8.85 -2.77
CA GLY A 20 -5.18 -10.00 -3.34
C GLY A 20 -3.98 -9.61 -4.19
N SER A 21 -3.83 -8.31 -4.46
CA SER A 21 -2.72 -7.83 -5.26
C SER A 21 -1.62 -7.27 -4.36
N GLY A 22 -0.39 -7.71 -4.58
CA GLY A 22 0.71 -7.24 -3.78
C GLY A 22 1.15 -5.84 -4.11
N CYS A 23 1.67 -5.13 -3.13
CA CYS A 23 2.14 -3.76 -3.32
C CYS A 23 3.34 -3.49 -2.42
N LYS A 24 3.96 -2.35 -2.62
CA LYS A 24 5.12 -2.00 -1.82
C LYS A 24 5.12 -0.51 -1.46
N TYR A 25 5.67 -0.18 -0.30
CA TYR A 25 5.72 1.22 0.12
C TYR A 25 6.86 1.48 1.08
N HIS A 26 7.47 2.65 0.99
CA HIS A 26 8.57 2.99 1.85
C HIS A 26 8.07 3.24 3.27
N SER A 27 8.89 2.86 4.25
CA SER A 27 8.51 3.05 5.64
C SER A 27 9.64 3.69 6.44
N GLY A 28 9.88 4.97 6.19
CA GLY A 28 10.92 5.69 6.90
C GLY A 28 10.69 7.19 6.87
N PRO A 29 11.32 7.93 7.79
CA PRO A 29 11.19 9.38 7.89
C PRO A 29 11.86 10.15 6.75
N SER A 30 12.74 9.48 6.02
CA SER A 30 13.45 10.13 4.92
C SER A 30 13.86 9.16 3.81
N ASP A 31 14.88 9.57 3.05
CA ASP A 31 15.41 8.80 1.95
C ASP A 31 15.87 7.41 2.40
N LYS A 32 16.40 7.33 3.60
CA LYS A 32 16.87 6.06 4.14
C LYS A 32 15.75 5.02 4.23
N SER A 33 14.50 5.46 4.07
CA SER A 33 13.36 4.55 4.13
C SER A 33 13.52 3.45 3.10
N LYS A 34 12.86 2.33 3.34
CA LYS A 34 12.93 1.20 2.42
C LYS A 34 11.54 0.70 2.01
N VAL A 35 11.40 0.36 0.73
CA VAL A 35 10.14 -0.14 0.22
C VAL A 35 9.80 -1.49 0.88
N ILE A 36 8.64 -1.56 1.50
CA ILE A 36 8.20 -2.78 2.18
C ILE A 36 7.13 -3.49 1.37
N SER A 37 7.35 -4.77 1.10
CA SER A 37 6.39 -5.55 0.34
C SER A 37 5.14 -5.84 1.18
N GLY A 38 4.02 -6.11 0.51
CA GLY A 38 2.78 -6.39 1.23
C GLY A 38 1.63 -6.78 0.32
N LYS A 39 0.44 -6.93 0.92
CA LYS A 39 -0.77 -7.30 0.17
C LYS A 39 -1.93 -6.38 0.53
N CYS A 40 -2.76 -6.04 -0.45
CA CYS A 40 -3.90 -5.15 -0.20
C CYS A 40 -5.07 -5.90 0.43
N GLU A 41 -5.63 -5.32 1.49
CA GLU A 41 -6.76 -5.91 2.21
C GLU A 41 -7.77 -4.82 2.59
N TRP A 42 -9.06 -5.15 2.54
CA TRP A 42 -10.10 -4.18 2.89
C TRP A 42 -10.30 -4.10 4.39
N GLN A 43 -10.25 -2.87 4.91
CA GLN A 43 -10.43 -2.63 6.33
C GLN A 43 -11.32 -1.41 6.54
N GLY A 44 -12.56 -1.64 6.93
CA GLY A 44 -13.50 -0.56 7.16
C GLY A 44 -14.01 0.02 5.87
N GLY A 45 -13.90 -0.74 4.80
CA GLY A 45 -14.36 -0.30 3.51
C GLY A 45 -13.27 0.38 2.69
N GLN A 46 -12.12 0.63 3.31
CA GLN A 46 -11.01 1.28 2.62
C GLN A 46 -9.90 0.27 2.37
N LEU A 47 -9.20 0.42 1.25
CA LEU A 47 -8.10 -0.49 0.92
C LEU A 47 -6.77 -0.02 1.47
N ASN A 48 -6.12 -0.90 2.21
CA ASN A 48 -4.82 -0.59 2.81
C ASN A 48 -3.87 -1.76 2.59
N CYS A 49 -2.64 -1.43 2.23
CA CYS A 49 -1.63 -2.45 2.00
C CYS A 49 -1.06 -2.92 3.32
N ILE A 50 -0.95 -4.24 3.47
CA ILE A 50 -0.42 -4.83 4.69
C ILE A 50 0.95 -5.42 4.42
N ALA A 51 1.96 -4.76 4.92
CA ALA A 51 3.32 -5.23 4.72
C ALA A 51 3.58 -6.50 5.52
N THR A 52 4.08 -7.51 4.83
CA THR A 52 4.38 -8.79 5.46
C THR A 52 5.64 -8.70 6.31
N ILE A 1 8.09 5.60 -5.03
CA ILE A 1 7.46 4.68 -4.07
C ILE A 1 5.96 4.96 -3.92
N ALA A 2 5.24 3.99 -3.37
CA ALA A 2 3.80 4.13 -3.18
C ALA A 2 3.46 5.25 -2.20
N THR A 3 4.44 5.64 -1.38
CA THR A 3 4.28 6.72 -0.39
C THR A 3 3.56 6.20 0.85
N SER A 4 2.38 5.61 0.66
CA SER A 4 1.61 5.08 1.77
C SER A 4 0.79 3.87 1.34
N PRO A 5 0.51 2.94 2.26
CA PRO A 5 -0.29 1.74 1.95
C PRO A 5 -1.73 2.07 1.61
N TYR A 6 -2.27 3.10 2.24
CA TYR A 6 -3.65 3.52 2.01
C TYR A 6 -3.89 3.94 0.57
N TYR A 7 -3.03 4.82 0.06
CA TYR A 7 -3.16 5.32 -1.32
C TYR A 7 -2.78 4.25 -2.36
N ALA A 8 -1.78 3.44 -2.05
CA ALA A 8 -1.32 2.41 -2.96
C ALA A 8 -2.42 1.39 -3.29
N CYS A 9 -3.22 1.03 -2.29
CA CYS A 9 -4.29 0.06 -2.50
C CYS A 9 -5.64 0.74 -2.74
N ASN A 10 -5.78 1.98 -2.28
CA ASN A 10 -7.03 2.71 -2.47
C ASN A 10 -7.45 2.70 -3.93
N CYS A 11 -8.74 2.56 -4.17
CA CYS A 11 -9.27 2.55 -5.53
C CYS A 11 -9.30 3.94 -6.15
N PRO A 12 -9.97 4.93 -5.52
CA PRO A 12 -10.04 6.28 -6.08
C PRO A 12 -8.66 6.85 -6.38
N ASN A 13 -7.65 6.33 -5.70
CA ASN A 13 -6.29 6.79 -5.91
C ASN A 13 -5.46 5.75 -6.66
N ASN A 14 -5.91 4.49 -6.64
CA ASN A 14 -5.20 3.41 -7.32
C ASN A 14 -6.05 2.14 -7.47
N CYS A 15 -7.00 2.14 -8.41
CA CYS A 15 -7.86 0.97 -8.63
C CYS A 15 -7.07 -0.17 -9.25
N LYS A 16 -5.90 0.13 -9.80
CA LYS A 16 -5.07 -0.90 -10.41
C LYS A 16 -4.72 -1.94 -9.36
N HIS A 17 -4.44 -1.47 -8.15
CA HIS A 17 -4.11 -2.35 -7.05
C HIS A 17 -5.30 -2.58 -6.14
N LYS A 18 -5.81 -3.80 -6.14
CA LYS A 18 -6.96 -4.16 -5.33
C LYS A 18 -6.65 -5.35 -4.43
N LYS A 19 -7.63 -5.78 -3.64
CA LYS A 19 -7.44 -6.91 -2.74
C LYS A 19 -6.84 -8.11 -3.47
N GLY A 20 -5.84 -8.71 -2.86
CA GLY A 20 -5.18 -9.86 -3.46
C GLY A 20 -3.98 -9.46 -4.30
N SER A 21 -3.81 -8.15 -4.52
CA SER A 21 -2.68 -7.66 -5.30
C SER A 21 -1.57 -7.17 -4.38
N GLY A 22 -0.38 -7.69 -4.56
CA GLY A 22 0.74 -7.29 -3.73
C GLY A 22 1.21 -5.88 -4.02
N CYS A 23 1.71 -5.20 -3.00
CA CYS A 23 2.19 -3.84 -3.16
C CYS A 23 3.41 -3.60 -2.28
N LYS A 24 4.07 -2.48 -2.49
CA LYS A 24 5.25 -2.14 -1.71
C LYS A 24 5.21 -0.67 -1.31
N TYR A 25 5.61 -0.36 -0.07
CA TYR A 25 5.62 1.02 0.40
C TYR A 25 6.70 1.28 1.43
N HIS A 26 7.28 2.47 1.40
CA HIS A 26 8.32 2.82 2.34
C HIS A 26 7.71 3.23 3.66
N SER A 27 8.46 3.06 4.74
CA SER A 27 7.96 3.41 6.07
C SER A 27 9.05 4.07 6.90
N GLY A 28 9.45 5.27 6.50
CA GLY A 28 10.48 6.00 7.22
C GLY A 28 10.76 7.36 6.62
N PRO A 29 11.62 8.15 7.27
CA PRO A 29 11.98 9.49 6.79
C PRO A 29 12.92 9.46 5.58
N SER A 30 12.80 10.47 4.73
CA SER A 30 13.62 10.60 3.53
C SER A 30 13.76 9.29 2.77
N ASP A 31 14.69 9.33 1.83
CA ASP A 31 15.01 8.20 0.98
C ASP A 31 15.59 7.06 1.81
N LYS A 32 16.18 7.42 2.94
CA LYS A 32 16.77 6.44 3.83
C LYS A 32 15.81 5.29 4.15
N SER A 33 14.52 5.55 4.03
CA SER A 33 13.51 4.53 4.30
C SER A 33 13.58 3.41 3.27
N LYS A 34 13.04 2.25 3.61
CA LYS A 34 13.04 1.10 2.71
C LYS A 34 11.63 0.64 2.38
N VAL A 35 11.42 0.30 1.11
CA VAL A 35 10.11 -0.15 0.66
C VAL A 35 9.77 -1.47 1.35
N ILE A 36 8.51 -1.63 1.73
CA ILE A 36 8.07 -2.83 2.41
C ILE A 36 7.00 -3.55 1.59
N SER A 37 7.26 -4.79 1.22
CA SER A 37 6.29 -5.55 0.43
C SER A 37 5.08 -5.92 1.27
N GLY A 38 3.95 -6.13 0.60
CA GLY A 38 2.73 -6.50 1.30
C GLY A 38 1.59 -6.87 0.37
N LYS A 39 0.39 -6.99 0.94
CA LYS A 39 -0.82 -7.34 0.19
C LYS A 39 -1.96 -6.41 0.53
N CYS A 40 -2.76 -6.02 -0.47
CA CYS A 40 -3.88 -5.12 -0.21
C CYS A 40 -5.05 -5.86 0.43
N GLU A 41 -5.57 -5.30 1.52
CA GLU A 41 -6.69 -5.90 2.23
C GLU A 41 -7.68 -4.82 2.65
N TRP A 42 -8.98 -5.10 2.53
CA TRP A 42 -10.00 -4.13 2.90
C TRP A 42 -10.15 -4.05 4.41
N GLN A 43 -10.23 -2.82 4.93
CA GLN A 43 -10.37 -2.60 6.36
C GLN A 43 -11.82 -2.28 6.69
N GLY A 44 -12.71 -2.88 5.92
CA GLY A 44 -14.13 -2.67 6.11
C GLY A 44 -14.69 -1.61 5.20
N GLY A 45 -13.89 -1.15 4.24
CA GLY A 45 -14.35 -0.13 3.32
C GLY A 45 -13.21 0.51 2.55
N GLN A 46 -12.11 0.79 3.25
CA GLN A 46 -10.95 1.40 2.63
C GLN A 46 -9.85 0.35 2.39
N LEU A 47 -9.13 0.49 1.29
CA LEU A 47 -8.06 -0.46 0.97
C LEU A 47 -6.72 0.01 1.51
N ASN A 48 -6.06 -0.89 2.22
CA ASN A 48 -4.75 -0.60 2.80
C ASN A 48 -3.81 -1.77 2.58
N CYS A 49 -2.56 -1.45 2.26
CA CYS A 49 -1.56 -2.46 2.02
C CYS A 49 -1.04 -2.99 3.35
N ILE A 50 -1.00 -4.31 3.50
CA ILE A 50 -0.54 -4.93 4.73
C ILE A 50 0.79 -5.63 4.49
N ALA A 51 1.85 -5.04 4.99
CA ALA A 51 3.17 -5.60 4.85
C ALA A 51 3.29 -6.90 5.65
N THR A 52 3.71 -7.95 4.98
CA THR A 52 3.87 -9.25 5.62
C THR A 52 5.34 -9.52 5.96
N ILE A 1 8.91 5.83 -5.31
CA ILE A 1 8.31 4.80 -4.43
C ILE A 1 6.92 5.20 -3.98
N ALA A 2 6.06 4.21 -3.78
CA ALA A 2 4.68 4.46 -3.35
C ALA A 2 4.66 5.08 -1.95
N THR A 3 3.69 5.95 -1.72
CA THR A 3 3.57 6.63 -0.43
C THR A 3 2.26 6.26 0.25
N SER A 4 2.33 5.95 1.55
CA SER A 4 1.15 5.59 2.32
C SER A 4 0.51 4.31 1.78
N PRO A 5 0.40 3.23 2.60
CA PRO A 5 -0.20 1.98 2.14
C PRO A 5 -1.66 2.19 1.74
N TYR A 6 -2.28 3.17 2.37
CA TYR A 6 -3.68 3.50 2.11
C TYR A 6 -3.88 3.95 0.67
N TYR A 7 -3.03 4.88 0.22
CA TYR A 7 -3.12 5.41 -1.14
C TYR A 7 -2.71 4.40 -2.21
N ALA A 8 -1.70 3.59 -1.90
CA ALA A 8 -1.21 2.59 -2.84
C ALA A 8 -2.28 1.58 -3.25
N CYS A 9 -3.10 1.17 -2.30
CA CYS A 9 -4.15 0.20 -2.60
C CYS A 9 -5.51 0.86 -2.78
N ASN A 10 -5.68 2.08 -2.26
CA ASN A 10 -6.96 2.78 -2.39
C ASN A 10 -7.43 2.82 -3.83
N CYS A 11 -8.73 2.65 -4.02
CA CYS A 11 -9.32 2.66 -5.36
C CYS A 11 -9.28 4.03 -6.03
N PRO A 12 -9.78 5.10 -5.38
CA PRO A 12 -9.77 6.43 -5.98
C PRO A 12 -8.38 6.94 -6.34
N ASN A 13 -7.36 6.39 -5.70
CA ASN A 13 -5.99 6.81 -5.97
C ASN A 13 -5.20 5.72 -6.70
N ASN A 14 -5.65 4.47 -6.60
CA ASN A 14 -4.98 3.35 -7.25
C ASN A 14 -5.84 2.08 -7.25
N CYS A 15 -6.91 2.06 -8.05
CA CYS A 15 -7.77 0.87 -8.10
C CYS A 15 -7.09 -0.28 -8.82
N LYS A 16 -5.91 -0.01 -9.41
CA LYS A 16 -5.19 -1.06 -10.11
C LYS A 16 -4.94 -2.20 -9.14
N HIS A 17 -4.64 -1.83 -7.90
CA HIS A 17 -4.37 -2.79 -6.84
C HIS A 17 -5.66 -3.13 -6.10
N LYS A 18 -6.16 -4.33 -6.35
CA LYS A 18 -7.39 -4.81 -5.70
C LYS A 18 -7.05 -5.80 -4.60
N LYS A 19 -8.05 -6.17 -3.81
CA LYS A 19 -7.84 -7.12 -2.72
C LYS A 19 -7.14 -8.38 -3.23
N GLY A 20 -6.10 -8.80 -2.51
CA GLY A 20 -5.37 -9.99 -2.91
C GLY A 20 -4.18 -9.67 -3.82
N SER A 21 -4.10 -8.42 -4.27
CA SER A 21 -3.00 -8.03 -5.15
C SER A 21 -1.80 -7.58 -4.33
N GLY A 22 -0.61 -7.94 -4.78
CA GLY A 22 0.61 -7.57 -4.07
C GLY A 22 0.86 -6.08 -4.14
N CYS A 23 1.47 -5.54 -3.09
CA CYS A 23 1.76 -4.11 -3.04
C CYS A 23 3.01 -3.82 -2.23
N LYS A 24 3.59 -2.64 -2.43
CA LYS A 24 4.80 -2.25 -1.72
C LYS A 24 4.77 -0.76 -1.36
N TYR A 25 5.39 -0.40 -0.24
CA TYR A 25 5.41 1.01 0.18
C TYR A 25 6.53 1.28 1.16
N HIS A 26 7.14 2.46 1.06
CA HIS A 26 8.23 2.80 1.97
C HIS A 26 7.71 3.02 3.38
N SER A 27 8.54 2.69 4.37
CA SER A 27 8.17 2.86 5.76
C SER A 27 9.34 3.36 6.59
N GLY A 28 9.71 4.63 6.37
CA GLY A 28 10.81 5.21 7.10
C GLY A 28 10.97 6.69 6.81
N PRO A 29 11.87 7.36 7.54
CA PRO A 29 12.12 8.80 7.35
C PRO A 29 12.91 9.11 6.07
N SER A 30 12.61 10.27 5.48
CA SER A 30 13.28 10.73 4.27
C SER A 30 13.45 9.62 3.23
N ASP A 31 14.50 9.77 2.41
CA ASP A 31 14.83 8.83 1.36
C ASP A 31 15.40 7.55 1.95
N LYS A 32 15.86 7.64 3.19
CA LYS A 32 16.42 6.54 3.89
C LYS A 32 15.42 5.39 4.03
N SER A 33 14.14 5.69 3.82
CA SER A 33 13.09 4.68 3.93
C SER A 33 13.28 3.60 2.87
N LYS A 34 12.70 2.43 3.13
CA LYS A 34 12.81 1.31 2.20
C LYS A 34 11.43 0.76 1.85
N VAL A 35 11.23 0.45 0.57
CA VAL A 35 9.95 -0.10 0.14
C VAL A 35 9.68 -1.41 0.88
N ILE A 36 8.52 -1.46 1.51
CA ILE A 36 8.10 -2.64 2.27
C ILE A 36 7.09 -3.45 1.49
N SER A 37 7.37 -4.72 1.29
CA SER A 37 6.45 -5.58 0.56
C SER A 37 5.20 -5.86 1.38
N GLY A 38 4.11 -6.20 0.70
CA GLY A 38 2.86 -6.48 1.39
C GLY A 38 1.73 -6.89 0.46
N LYS A 39 0.52 -6.93 1.01
CA LYS A 39 -0.68 -7.31 0.25
C LYS A 39 -1.82 -6.34 0.54
N CYS A 40 -2.59 -5.99 -0.48
CA CYS A 40 -3.71 -5.07 -0.28
C CYS A 40 -4.90 -5.79 0.36
N GLU A 41 -5.43 -5.19 1.43
CA GLU A 41 -6.57 -5.77 2.15
C GLU A 41 -7.56 -4.68 2.54
N TRP A 42 -8.86 -5.00 2.48
CA TRP A 42 -9.88 -4.02 2.84
C TRP A 42 -10.02 -3.91 4.35
N GLN A 43 -10.13 -2.67 4.83
CA GLN A 43 -10.28 -2.40 6.26
C GLN A 43 -11.70 -2.00 6.58
N GLY A 44 -12.62 -2.60 5.84
CA GLY A 44 -14.03 -2.31 6.03
C GLY A 44 -14.59 -1.35 5.00
N GLY A 45 -13.81 -1.05 3.97
CA GLY A 45 -14.26 -0.13 2.95
C GLY A 45 -13.12 0.54 2.21
N GLN A 46 -11.96 0.60 2.85
CA GLN A 46 -10.78 1.22 2.25
C GLN A 46 -9.68 0.19 2.05
N LEU A 47 -8.96 0.30 0.93
CA LEU A 47 -7.89 -0.64 0.64
C LEU A 47 -6.56 -0.13 1.20
N ASN A 48 -5.91 -0.97 2.00
CA ASN A 48 -4.63 -0.62 2.60
C ASN A 48 -3.61 -1.72 2.37
N CYS A 49 -2.38 -1.32 2.14
CA CYS A 49 -1.30 -2.28 1.90
C CYS A 49 -0.80 -2.81 3.25
N ILE A 50 -0.88 -4.12 3.44
CA ILE A 50 -0.46 -4.74 4.68
C ILE A 50 0.89 -5.43 4.48
N ALA A 51 1.93 -4.81 5.00
CA ALA A 51 3.26 -5.35 4.89
C ALA A 51 3.43 -6.56 5.82
N THR A 52 3.86 -7.68 5.25
CA THR A 52 4.06 -8.90 6.01
C THR A 52 5.50 -9.01 6.48
N ILE A 1 8.80 5.41 -5.29
CA ILE A 1 8.13 4.42 -4.42
C ILE A 1 6.75 4.93 -3.99
N ALA A 2 5.83 4.00 -3.77
CA ALA A 2 4.47 4.34 -3.35
C ALA A 2 4.49 5.00 -1.97
N THR A 3 3.61 5.97 -1.77
CA THR A 3 3.52 6.67 -0.50
C THR A 3 2.30 6.24 0.29
N SER A 4 2.53 5.81 1.53
CA SER A 4 1.45 5.36 2.41
C SER A 4 0.76 4.12 1.84
N PRO A 5 0.58 3.05 2.66
CA PRO A 5 -0.07 1.82 2.19
C PRO A 5 -1.52 2.08 1.81
N TYR A 6 -2.13 3.06 2.46
CA TYR A 6 -3.51 3.43 2.20
C TYR A 6 -3.71 3.92 0.77
N TYR A 7 -2.86 4.84 0.33
CA TYR A 7 -2.94 5.41 -1.02
C TYR A 7 -2.55 4.41 -2.11
N ALA A 8 -1.55 3.57 -1.82
CA ALA A 8 -1.09 2.59 -2.80
C ALA A 8 -2.19 1.60 -3.20
N CYS A 9 -2.99 1.18 -2.24
CA CYS A 9 -4.05 0.22 -2.54
C CYS A 9 -5.40 0.91 -2.70
N ASN A 10 -5.53 2.14 -2.22
CA ASN A 10 -6.80 2.88 -2.33
C ASN A 10 -7.30 2.87 -3.76
N CYS A 11 -8.60 2.71 -3.93
CA CYS A 11 -9.21 2.69 -5.25
C CYS A 11 -9.17 4.04 -5.96
N PRO A 12 -9.66 5.13 -5.33
CA PRO A 12 -9.65 6.45 -5.98
C PRO A 12 -8.26 6.94 -6.36
N ASN A 13 -7.24 6.40 -5.72
CA ASN A 13 -5.87 6.82 -6.02
C ASN A 13 -5.09 5.71 -6.73
N ASN A 14 -5.53 4.47 -6.58
CA ASN A 14 -4.85 3.32 -7.20
C ASN A 14 -5.73 2.07 -7.18
N CYS A 15 -6.82 2.06 -7.95
CA CYS A 15 -7.70 0.89 -7.98
C CYS A 15 -7.05 -0.28 -8.73
N LYS A 16 -5.98 -0.01 -9.46
CA LYS A 16 -5.31 -1.08 -10.19
C LYS A 16 -4.88 -2.18 -9.21
N HIS A 17 -4.75 -1.81 -7.94
CA HIS A 17 -4.37 -2.75 -6.89
C HIS A 17 -5.62 -3.16 -6.10
N LYS A 18 -6.21 -4.28 -6.48
CA LYS A 18 -7.40 -4.78 -5.82
C LYS A 18 -7.03 -5.77 -4.72
N LYS A 19 -8.02 -6.15 -3.90
CA LYS A 19 -7.78 -7.09 -2.81
C LYS A 19 -7.09 -8.34 -3.33
N GLY A 20 -6.06 -8.78 -2.61
CA GLY A 20 -5.33 -9.96 -3.02
C GLY A 20 -4.16 -9.66 -3.93
N SER A 21 -4.06 -8.40 -4.38
CA SER A 21 -2.97 -7.99 -5.26
C SER A 21 -1.75 -7.59 -4.44
N GLY A 22 -0.57 -7.91 -4.94
CA GLY A 22 0.65 -7.57 -4.23
C GLY A 22 0.90 -6.08 -4.25
N CYS A 23 1.53 -5.57 -3.19
CA CYS A 23 1.81 -4.14 -3.09
C CYS A 23 3.07 -3.88 -2.27
N LYS A 24 3.65 -2.70 -2.46
CA LYS A 24 4.86 -2.32 -1.74
C LYS A 24 4.82 -0.84 -1.35
N TYR A 25 5.40 -0.49 -0.19
CA TYR A 25 5.41 0.89 0.25
C TYR A 25 6.57 1.20 1.19
N HIS A 26 7.08 2.42 1.14
CA HIS A 26 8.19 2.80 1.99
C HIS A 26 7.67 3.20 3.37
N SER A 27 8.51 3.04 4.37
CA SER A 27 8.12 3.38 5.74
C SER A 27 9.25 4.08 6.49
N GLY A 28 9.53 5.32 6.09
CA GLY A 28 10.58 6.08 6.73
C GLY A 28 10.34 7.58 6.63
N PRO A 29 11.05 8.37 7.43
CA PRO A 29 10.91 9.84 7.44
C PRO A 29 11.45 10.52 6.19
N SER A 30 12.29 9.82 5.44
CA SER A 30 12.86 10.39 4.21
C SER A 30 13.31 9.30 3.24
N ASP A 31 14.28 9.66 2.39
CA ASP A 31 14.83 8.77 1.40
C ASP A 31 15.38 7.51 2.05
N LYS A 32 15.82 7.64 3.29
CA LYS A 32 16.37 6.51 4.03
C LYS A 32 15.33 5.38 4.17
N SER A 33 14.06 5.71 3.92
CA SER A 33 13.00 4.72 4.02
C SER A 33 13.23 3.58 3.03
N LYS A 34 12.63 2.43 3.32
CA LYS A 34 12.78 1.26 2.47
C LYS A 34 11.43 0.70 2.08
N VAL A 35 11.29 0.31 0.82
CA VAL A 35 10.05 -0.26 0.33
C VAL A 35 9.76 -1.56 1.08
N ILE A 36 8.53 -1.72 1.49
CA ILE A 36 8.13 -2.91 2.23
C ILE A 36 7.08 -3.68 1.44
N SER A 37 7.35 -4.95 1.13
CA SER A 37 6.40 -5.74 0.37
C SER A 37 5.18 -6.06 1.22
N GLY A 38 4.06 -6.33 0.54
CA GLY A 38 2.83 -6.65 1.25
C GLY A 38 1.69 -7.00 0.31
N LYS A 39 0.47 -7.01 0.85
CA LYS A 39 -0.71 -7.35 0.06
C LYS A 39 -1.86 -6.39 0.39
N CYS A 40 -2.64 -6.00 -0.62
CA CYS A 40 -3.74 -5.08 -0.40
C CYS A 40 -4.95 -5.81 0.19
N GLU A 41 -5.49 -5.26 1.27
CA GLU A 41 -6.65 -5.86 1.96
C GLU A 41 -7.64 -4.77 2.37
N TRP A 42 -8.93 -5.10 2.32
CA TRP A 42 -9.96 -4.13 2.69
C TRP A 42 -10.14 -4.05 4.20
N GLN A 43 -10.10 -2.84 4.73
CA GLN A 43 -10.26 -2.60 6.15
C GLN A 43 -11.21 -1.43 6.38
N GLY A 44 -12.48 -1.73 6.61
CA GLY A 44 -13.46 -0.68 6.83
C GLY A 44 -13.90 -0.04 5.54
N GLY A 45 -13.72 -0.76 4.44
CA GLY A 45 -14.11 -0.24 3.16
C GLY A 45 -12.98 0.42 2.40
N GLN A 46 -11.84 0.61 3.06
CA GLN A 46 -10.68 1.24 2.42
C GLN A 46 -9.58 0.21 2.18
N LEU A 47 -8.89 0.34 1.06
CA LEU A 47 -7.81 -0.59 0.73
C LEU A 47 -6.48 -0.12 1.32
N ASN A 48 -5.81 -1.03 2.01
CA ASN A 48 -4.52 -0.73 2.62
C ASN A 48 -3.53 -1.85 2.37
N CYS A 49 -2.28 -1.47 2.17
CA CYS A 49 -1.23 -2.44 1.91
C CYS A 49 -0.72 -3.00 3.24
N ILE A 50 -0.82 -4.31 3.40
CA ILE A 50 -0.38 -4.95 4.63
C ILE A 50 0.90 -5.72 4.39
N ALA A 51 1.99 -5.19 4.92
CA ALA A 51 3.28 -5.83 4.78
C ALA A 51 3.35 -7.10 5.60
N THR A 52 3.72 -8.19 4.95
CA THR A 52 3.82 -9.48 5.63
C THR A 52 5.23 -9.72 6.15
N ILE A 1 9.71 5.31 -4.96
CA ILE A 1 9.08 4.28 -4.10
C ILE A 1 7.59 4.55 -3.91
N ALA A 2 6.83 3.50 -3.66
CA ALA A 2 5.39 3.62 -3.47
C ALA A 2 5.08 4.48 -2.24
N THR A 3 4.00 5.24 -2.32
CA THR A 3 3.59 6.11 -1.23
C THR A 3 2.90 5.33 -0.10
N SER A 4 2.15 6.03 0.74
CA SER A 4 1.43 5.42 1.85
C SER A 4 0.66 4.18 1.40
N PRO A 5 0.57 3.13 2.24
CA PRO A 5 -0.14 1.89 1.91
C PRO A 5 -1.62 2.17 1.60
N TYR A 6 -2.18 3.15 2.28
CA TYR A 6 -3.57 3.52 2.08
C TYR A 6 -3.85 3.99 0.65
N TYR A 7 -3.01 4.92 0.18
CA TYR A 7 -3.16 5.47 -1.17
C TYR A 7 -2.80 4.48 -2.28
N ALA A 8 -1.77 3.67 -2.05
CA ALA A 8 -1.33 2.69 -3.04
C ALA A 8 -2.42 1.69 -3.39
N CYS A 9 -3.17 1.24 -2.39
CA CYS A 9 -4.22 0.26 -2.63
C CYS A 9 -5.60 0.93 -2.76
N ASN A 10 -5.73 2.16 -2.25
CA ASN A 10 -7.01 2.88 -2.31
C ASN A 10 -7.59 2.85 -3.72
N CYS A 11 -8.90 2.67 -3.81
CA CYS A 11 -9.57 2.61 -5.11
C CYS A 11 -9.56 3.96 -5.85
N PRO A 12 -10.03 5.05 -5.21
CA PRO A 12 -10.05 6.37 -5.88
C PRO A 12 -8.69 6.86 -6.33
N ASN A 13 -7.63 6.33 -5.71
CA ASN A 13 -6.27 6.75 -6.06
C ASN A 13 -5.51 5.63 -6.80
N ASN A 14 -5.98 4.40 -6.65
CA ASN A 14 -5.32 3.25 -7.30
C ASN A 14 -6.18 1.99 -7.20
N CYS A 15 -7.31 1.95 -7.91
CA CYS A 15 -8.18 0.78 -7.88
C CYS A 15 -7.57 -0.39 -8.64
N LYS A 16 -6.48 -0.14 -9.36
CA LYS A 16 -5.82 -1.20 -10.10
C LYS A 16 -5.42 -2.29 -9.13
N HIS A 17 -4.96 -1.87 -7.96
CA HIS A 17 -4.53 -2.78 -6.91
C HIS A 17 -5.72 -3.24 -6.08
N LYS A 18 -6.43 -4.24 -6.57
CA LYS A 18 -7.58 -4.79 -5.87
C LYS A 18 -7.14 -5.80 -4.82
N LYS A 19 -8.06 -6.24 -3.98
CA LYS A 19 -7.74 -7.21 -2.94
C LYS A 19 -6.99 -8.41 -3.53
N GLY A 20 -5.90 -8.77 -2.87
CA GLY A 20 -5.10 -9.89 -3.33
C GLY A 20 -3.92 -9.44 -4.17
N SER A 21 -3.99 -8.21 -4.67
CA SER A 21 -2.91 -7.66 -5.49
C SER A 21 -1.69 -7.32 -4.62
N GLY A 22 -0.50 -7.66 -5.13
CA GLY A 22 0.70 -7.36 -4.38
C GLY A 22 1.01 -5.88 -4.38
N CYS A 23 1.61 -5.40 -3.30
CA CYS A 23 1.96 -3.99 -3.19
C CYS A 23 3.08 -3.76 -2.20
N LYS A 24 3.70 -2.58 -2.29
CA LYS A 24 4.80 -2.21 -1.40
C LYS A 24 4.74 -0.74 -1.05
N TYR A 25 5.38 -0.36 0.05
CA TYR A 25 5.39 1.04 0.49
C TYR A 25 6.53 1.32 1.45
N HIS A 26 6.94 2.58 1.55
CA HIS A 26 8.02 2.93 2.46
C HIS A 26 7.45 3.39 3.79
N SER A 27 8.15 3.05 4.88
CA SER A 27 7.70 3.44 6.21
C SER A 27 8.83 4.06 7.01
N GLY A 28 9.20 5.29 6.65
CA GLY A 28 10.26 5.98 7.36
C GLY A 28 10.53 7.36 6.79
N PRO A 29 11.34 8.16 7.48
CA PRO A 29 11.69 9.52 7.03
C PRO A 29 12.68 9.54 5.87
N SER A 30 12.55 10.57 5.03
CA SER A 30 13.43 10.74 3.87
C SER A 30 13.61 9.45 3.08
N ASP A 31 14.59 9.49 2.18
CA ASP A 31 14.95 8.38 1.34
C ASP A 31 15.41 7.21 2.19
N LYS A 32 15.89 7.54 3.38
CA LYS A 32 16.38 6.55 4.32
C LYS A 32 15.36 5.42 4.53
N SER A 33 14.09 5.71 4.27
CA SER A 33 13.03 4.71 4.43
C SER A 33 13.24 3.56 3.47
N LYS A 34 12.63 2.43 3.79
CA LYS A 34 12.73 1.24 2.96
C LYS A 34 11.36 0.74 2.52
N VAL A 35 11.27 0.32 1.27
CA VAL A 35 10.03 -0.19 0.74
C VAL A 35 9.77 -1.60 1.27
N ILE A 36 8.61 -1.80 1.85
CA ILE A 36 8.24 -3.09 2.41
C ILE A 36 7.19 -3.77 1.54
N SER A 37 7.44 -5.01 1.16
CA SER A 37 6.49 -5.74 0.33
C SER A 37 5.25 -6.09 1.13
N GLY A 38 4.13 -6.33 0.44
CA GLY A 38 2.90 -6.66 1.12
C GLY A 38 1.76 -6.98 0.17
N LYS A 39 0.54 -6.98 0.70
CA LYS A 39 -0.66 -7.27 -0.09
C LYS A 39 -1.82 -6.35 0.30
N CYS A 40 -2.60 -5.92 -0.69
CA CYS A 40 -3.72 -5.02 -0.42
C CYS A 40 -4.88 -5.78 0.23
N GLU A 41 -5.45 -5.21 1.30
CA GLU A 41 -6.56 -5.82 2.02
C GLU A 41 -7.58 -4.76 2.41
N TRP A 42 -8.87 -5.12 2.38
CA TRP A 42 -9.92 -4.17 2.73
C TRP A 42 -10.12 -4.10 4.24
N GLN A 43 -10.07 -2.88 4.77
CA GLN A 43 -10.26 -2.64 6.19
C GLN A 43 -11.19 -1.46 6.42
N GLY A 44 -12.45 -1.75 6.74
CA GLY A 44 -13.42 -0.69 6.96
C GLY A 44 -13.88 -0.07 5.68
N GLY A 45 -13.72 -0.79 4.59
CA GLY A 45 -14.13 -0.30 3.30
C GLY A 45 -13.01 0.39 2.53
N GLN A 46 -11.87 0.60 3.18
CA GLN A 46 -10.73 1.25 2.53
C GLN A 46 -9.62 0.24 2.28
N LEU A 47 -8.94 0.39 1.15
CA LEU A 47 -7.85 -0.53 0.80
C LEU A 47 -6.51 -0.04 1.36
N ASN A 48 -5.82 -0.94 2.04
CA ASN A 48 -4.52 -0.64 2.62
C ASN A 48 -3.55 -1.76 2.34
N CYS A 49 -2.30 -1.40 2.09
CA CYS A 49 -1.26 -2.37 1.80
C CYS A 49 -0.72 -2.94 3.11
N ILE A 50 -0.81 -4.27 3.25
CA ILE A 50 -0.34 -4.94 4.44
C ILE A 50 1.03 -5.55 4.19
N ALA A 51 2.03 -4.97 4.81
CA ALA A 51 3.39 -5.46 4.65
C ALA A 51 3.59 -6.75 5.41
N THR A 52 4.09 -7.76 4.71
CA THR A 52 4.35 -9.06 5.30
C THR A 52 5.51 -8.99 6.28
#